data_3K60
#
_entry.id   3K60
#
_cell.length_a   118.156
_cell.length_b   118.156
_cell.length_c   105.893
_cell.angle_alpha   90.00
_cell.angle_beta   90.00
_cell.angle_gamma   120.00
#
_symmetry.space_group_name_H-M   'P 32 2 1'
#
loop_
_entity.id
_entity.type
_entity.pdbx_description
1 polymer 'Heat shock protein 86'
2 non-polymer "ADENOSINE-5'-DIPHOSPHATE"
3 non-polymer 'SULFATE ION'
4 water water
#
_entity_poly.entity_id   1
_entity_poly.type   'polypeptide(L)'
_entity_poly.pdbx_seq_one_letter_code
;MSTETFAFNADIRQLMSLIINTFYSNKEIFLRELISNASDALDKIRYESITDTQKLSAEPEFFIRIIPDKTNNTLTIEDS
GIGMTKNDLINNLGTIARSGTKAFMEAIQASGDISMIGQFGVGFYSAYLVADHVVVISKNNDDEQYVWESAAGGSFTVTK
DETNEKLGRGTKIILHLKEDQLEYLEEKRIKDLVKKHSEFISFPIKLYCERGGGVEHEWEELN
;
_entity_poly.pdbx_strand_id   A,B
#
loop_
_chem_comp.id
_chem_comp.type
_chem_comp.name
_chem_comp.formula
ADP non-polymer ADENOSINE-5'-DIPHOSPHATE 'C10 H15 N5 O10 P2'
SO4 non-polymer 'SULFATE ION' 'O4 S -2'
#
# COMPACT_ATOMS: atom_id res chain seq x y z
N SER A 2 20.44 -20.56 -22.04
CA SER A 2 19.55 -21.42 -22.82
C SER A 2 18.14 -21.51 -22.21
N THR A 3 17.17 -21.77 -23.06
CA THR A 3 15.77 -21.73 -22.67
C THR A 3 15.32 -22.92 -21.82
N GLU A 4 14.53 -22.65 -20.80
CA GLU A 4 13.86 -23.70 -20.04
C GLU A 4 12.35 -23.59 -20.23
N THR A 5 11.70 -24.74 -20.37
CA THR A 5 10.26 -24.78 -20.62
C THR A 5 9.51 -25.22 -19.38
N PHE A 6 8.38 -24.58 -19.10
CA PHE A 6 7.59 -24.91 -17.92
C PHE A 6 6.13 -25.10 -18.29
N ALA A 7 5.47 -26.00 -17.57
CA ALA A 7 4.05 -26.25 -17.81
C ALA A 7 3.21 -25.38 -16.89
N PHE A 8 2.19 -24.74 -17.45
CA PHE A 8 1.25 -23.98 -16.64
C PHE A 8 0.56 -24.92 -15.67
N ASN A 9 0.40 -24.49 -14.43
CA ASN A 9 -0.47 -25.21 -13.52
C ASN A 9 -1.83 -25.42 -14.20
N ALA A 10 -2.43 -26.59 -13.97
CA ALA A 10 -3.69 -26.96 -14.63
C ALA A 10 -4.80 -25.92 -14.46
N ASP A 11 -4.94 -25.40 -13.25
CA ASP A 11 -5.96 -24.39 -12.98
C ASP A 11 -5.67 -23.11 -13.75
N ILE A 12 -4.40 -22.75 -13.86
CA ILE A 12 -4.02 -21.56 -14.60
C ILE A 12 -4.25 -21.79 -16.10
N ARG A 13 -3.99 -23.01 -16.54
CA ARG A 13 -4.24 -23.37 -17.93
C ARG A 13 -5.73 -23.23 -18.26
N GLN A 14 -6.57 -23.67 -17.33
CA GLN A 14 -8.01 -23.54 -17.53
C GLN A 14 -8.46 -22.07 -17.53
N LEU A 15 -7.86 -21.27 -16.65
CA LEU A 15 -8.13 -19.84 -16.66
C LEU A 15 -7.77 -19.24 -18.03
N MET A 16 -6.58 -19.57 -18.52
CA MET A 16 -6.14 -19.05 -19.81
C MET A 16 -7.06 -19.52 -20.93
N SER A 17 -7.51 -20.77 -20.82
CA SER A 17 -8.44 -21.35 -21.78
C SER A 17 -9.73 -20.55 -21.83
N LEU A 18 -10.29 -20.27 -20.66
CA LEU A 18 -11.48 -19.43 -20.56
C LEU A 18 -11.27 -18.08 -21.23
N ILE A 19 -10.16 -17.43 -20.89
CA ILE A 19 -9.88 -16.09 -21.37
C ILE A 19 -9.75 -16.06 -22.90
N ILE A 20 -9.07 -17.06 -23.43
CA ILE A 20 -8.80 -17.15 -24.86
C ILE A 20 -10.07 -17.44 -25.66
N ASN A 21 -10.99 -18.19 -25.07
CA ASN A 21 -12.20 -18.57 -25.80
C ASN A 21 -13.44 -17.72 -25.51
N THR A 22 -13.34 -16.77 -24.58
CA THR A 22 -14.53 -16.01 -24.19
C THR A 22 -14.92 -14.96 -25.20
N PHE A 23 -16.20 -14.63 -25.24
CA PHE A 23 -16.69 -13.55 -26.08
C PHE A 23 -16.95 -12.27 -25.28
N TYR A 24 -16.55 -12.30 -24.01
CA TYR A 24 -16.58 -11.12 -23.15
C TYR A 24 -16.08 -9.89 -23.91
N SER A 25 -16.94 -8.88 -24.04
CA SER A 25 -16.62 -7.72 -24.88
C SER A 25 -15.82 -6.60 -24.19
N ASN A 26 -15.74 -6.65 -22.88
CA ASN A 26 -15.03 -5.63 -22.13
C ASN A 26 -13.52 -5.94 -22.02
N LYS A 27 -12.89 -6.21 -23.16
CA LYS A 27 -11.47 -6.59 -23.18
C LYS A 27 -10.52 -5.52 -22.66
N GLU A 28 -10.96 -4.27 -22.70
CA GLU A 28 -10.10 -3.15 -22.34
C GLU A 28 -9.55 -3.25 -20.92
N ILE A 29 -10.13 -4.14 -20.10
CA ILE A 29 -9.71 -4.24 -18.70
C ILE A 29 -8.28 -4.72 -18.52
N PHE A 30 -7.70 -5.30 -19.56
CA PHE A 30 -6.32 -5.74 -19.44
C PHE A 30 -5.46 -4.58 -18.98
N LEU A 31 -5.76 -3.39 -19.51
CA LEU A 31 -4.92 -2.23 -19.23
C LEU A 31 -4.92 -1.86 -17.76
N ARG A 32 -6.08 -1.89 -17.13
CA ARG A 32 -6.13 -1.58 -15.70
C ARG A 32 -5.42 -2.66 -14.88
N GLU A 33 -5.50 -3.92 -15.30
CA GLU A 33 -4.85 -5.00 -14.58
C GLU A 33 -3.32 -4.84 -14.62
N LEU A 34 -2.79 -4.58 -15.81
CA LEU A 34 -1.35 -4.47 -15.98
C LEU A 34 -0.80 -3.23 -15.29
N ILE A 35 -1.52 -2.13 -15.35
CA ILE A 35 -1.04 -0.90 -14.72
C ILE A 35 -1.08 -1.02 -13.20
N SER A 36 -2.08 -1.72 -12.68
CA SER A 36 -2.16 -2.00 -11.24
C SER A 36 -0.97 -2.85 -10.80
N ASN A 37 -0.65 -3.86 -11.60
CA ASN A 37 0.52 -4.70 -11.30
C ASN A 37 1.79 -3.88 -11.24
N ALA A 38 1.94 -2.94 -12.16
CA ALA A 38 3.10 -2.07 -12.20
C ALA A 38 3.14 -1.21 -10.95
N SER A 39 1.98 -0.70 -10.56
CA SER A 39 1.87 0.12 -9.35
C SER A 39 2.27 -0.67 -8.10
N ASP A 40 1.85 -1.93 -8.03
CA ASP A 40 2.16 -2.78 -6.88
C ASP A 40 3.66 -3.08 -6.82
N ALA A 41 4.25 -3.34 -7.99
CA ALA A 41 5.67 -3.65 -8.06
C ALA A 41 6.50 -2.44 -7.65
N LEU A 42 6.02 -1.26 -8.01
CA LEU A 42 6.67 -0.02 -7.62
C LEU A 42 6.49 0.23 -6.12
N ASP A 43 5.28 -0.03 -5.62
CA ASP A 43 5.00 0.01 -4.19
C ASP A 43 6.10 -0.73 -3.44
N LYS A 44 6.40 -1.94 -3.91
CA LYS A 44 7.31 -2.83 -3.19
C LYS A 44 8.73 -2.27 -3.14
N ILE A 45 9.24 -1.79 -4.26
CA ILE A 45 10.59 -1.27 -4.28
C ILE A 45 10.68 0.06 -3.53
N ARG A 46 9.60 0.83 -3.53
CA ARG A 46 9.59 2.07 -2.75
C ARG A 46 9.62 1.73 -1.26
N TYR A 47 8.86 0.71 -0.89
CA TYR A 47 8.80 0.28 0.50
C TYR A 47 10.15 -0.25 0.98
N GLU A 48 10.73 -1.17 0.22
CA GLU A 48 12.00 -1.78 0.62
C GLU A 48 13.13 -0.75 0.71
N SER A 49 13.06 0.28 -0.12
CA SER A 49 14.18 1.20 -0.24
C SER A 49 14.12 2.36 0.75
N ILE A 50 13.00 2.51 1.45
CA ILE A 50 12.87 3.64 2.39
C ILE A 50 13.78 3.48 3.60
N THR A 51 14.01 2.23 3.99
CA THR A 51 14.95 1.92 5.08
C THR A 51 16.31 1.51 4.53
N ASP A 52 16.41 1.42 3.20
CA ASP A 52 17.64 0.98 2.53
C ASP A 52 17.74 1.57 1.13
N THR A 53 18.31 2.76 1.03
CA THR A 53 18.32 3.54 -0.19
C THR A 53 19.14 2.90 -1.31
N GLN A 54 20.10 2.07 -0.94
CA GLN A 54 20.97 1.40 -1.89
C GLN A 54 20.20 0.52 -2.88
N LYS A 55 19.05 0.03 -2.47
CA LYS A 55 18.26 -0.85 -3.33
C LYS A 55 17.78 -0.14 -4.59
N LEU A 56 17.96 1.19 -4.63
CA LEU A 56 17.51 1.98 -5.78
C LEU A 56 18.61 2.23 -6.81
N SER A 57 19.82 1.76 -6.54
CA SER A 57 21.00 2.20 -7.29
C SER A 57 20.95 1.85 -8.78
N ALA A 58 20.39 0.70 -9.14
CA ALA A 58 20.34 0.29 -10.53
C ALA A 58 19.39 1.16 -11.37
N GLU A 59 18.41 1.79 -10.71
CA GLU A 59 17.45 2.66 -11.37
C GLU A 59 16.78 3.57 -10.35
N PRO A 60 17.26 4.82 -10.24
CA PRO A 60 16.86 5.74 -9.17
C PRO A 60 15.42 6.26 -9.27
N GLU A 61 14.87 6.35 -10.46
CA GLU A 61 13.53 6.91 -10.64
C GLU A 61 12.44 5.84 -10.70
N PHE A 62 11.29 6.15 -10.10
CA PHE A 62 10.08 5.33 -10.23
C PHE A 62 9.25 5.77 -11.42
N PHE A 63 8.89 4.85 -12.31
CA PHE A 63 8.07 5.25 -13.46
C PHE A 63 7.26 4.11 -14.04
N ILE A 64 6.18 4.49 -14.73
CA ILE A 64 5.43 3.57 -15.56
C ILE A 64 5.39 4.19 -16.96
N ARG A 65 5.80 3.41 -17.96
CA ARG A 65 5.81 3.88 -19.34
C ARG A 65 4.97 2.98 -20.22
N ILE A 66 4.22 3.60 -21.13
CA ILE A 66 3.39 2.86 -22.05
C ILE A 66 3.83 3.19 -23.47
N ILE A 67 4.18 2.16 -24.22
CA ILE A 67 4.72 2.35 -25.55
C ILE A 67 3.96 1.54 -26.59
N PRO A 68 3.09 2.20 -27.35
CA PRO A 68 2.42 1.51 -28.47
C PRO A 68 3.39 1.50 -29.65
N ASP A 69 3.42 0.40 -30.40
CA ASP A 69 4.28 0.32 -31.56
C ASP A 69 3.48 -0.18 -32.77
N LYS A 70 3.17 0.73 -33.67
CA LYS A 70 2.34 0.43 -34.84
C LYS A 70 3.09 -0.38 -35.90
N THR A 71 4.42 -0.41 -35.82
CA THR A 71 5.22 -1.10 -36.83
C THR A 71 5.22 -2.61 -36.63
N ASN A 72 5.08 -3.06 -35.39
CA ASN A 72 5.02 -4.49 -35.12
C ASN A 72 3.80 -4.88 -34.28
N ASN A 73 2.85 -3.97 -34.16
CA ASN A 73 1.59 -4.22 -33.46
C ASN A 73 1.77 -4.75 -32.04
N THR A 74 2.60 -4.07 -31.27
CA THR A 74 2.82 -4.44 -29.88
C THR A 74 2.52 -3.24 -28.98
N LEU A 75 1.99 -3.53 -27.80
CA LEU A 75 1.79 -2.52 -26.78
C LEU A 75 2.62 -2.92 -25.57
N THR A 76 3.49 -2.02 -25.12
CA THR A 76 4.40 -2.34 -24.04
C THR A 76 4.10 -1.55 -22.76
N ILE A 77 4.05 -2.26 -21.63
CA ILE A 77 3.88 -1.62 -20.33
C ILE A 77 5.15 -1.86 -19.54
N GLU A 78 5.89 -0.79 -19.29
CA GLU A 78 7.18 -0.91 -18.62
C GLU A 78 7.13 -0.19 -17.28
N ASP A 79 7.80 -0.76 -16.27
CA ASP A 79 7.91 -0.11 -14.98
C ASP A 79 9.31 -0.30 -14.41
N SER A 80 9.67 0.53 -13.45
CA SER A 80 10.93 0.35 -12.73
C SER A 80 10.64 -0.14 -11.32
N GLY A 81 9.68 -1.06 -11.20
CA GLY A 81 9.33 -1.65 -9.93
C GLY A 81 10.37 -2.65 -9.45
N ILE A 82 9.97 -3.51 -8.51
CA ILE A 82 10.92 -4.40 -7.87
C ILE A 82 11.49 -5.49 -8.80
N GLY A 83 10.76 -5.78 -9.87
CA GLY A 83 11.21 -6.79 -10.81
C GLY A 83 11.06 -8.22 -10.27
N MET A 84 11.32 -9.20 -11.14
CA MET A 84 11.21 -10.60 -10.76
C MET A 84 12.48 -11.36 -11.08
N THR A 85 12.95 -12.17 -10.14
CA THR A 85 14.06 -13.09 -10.39
C THR A 85 13.56 -14.20 -11.31
N LYS A 86 14.49 -15.04 -11.76
CA LYS A 86 14.11 -16.20 -12.58
C LYS A 86 13.07 -17.02 -11.84
N ASN A 87 13.33 -17.31 -10.57
CA ASN A 87 12.40 -18.09 -9.77
C ASN A 87 11.05 -17.40 -9.63
N ASP A 88 11.07 -16.08 -9.47
CA ASP A 88 9.85 -15.30 -9.41
C ASP A 88 9.00 -15.47 -10.68
N LEU A 89 9.63 -15.39 -11.84
CA LEU A 89 8.90 -15.55 -13.08
C LEU A 89 8.24 -16.93 -13.14
N ILE A 90 9.00 -17.95 -12.75
CA ILE A 90 8.51 -19.33 -12.76
C ILE A 90 7.40 -19.53 -11.75
N ASN A 91 7.57 -18.97 -10.56
CA ASN A 91 6.60 -19.15 -9.49
C ASN A 91 5.34 -18.30 -9.62
N ASN A 92 5.51 -17.06 -10.06
CA ASN A 92 4.40 -16.10 -10.04
C ASN A 92 3.63 -16.05 -11.34
N LEU A 93 4.26 -16.49 -12.43
CA LEU A 93 3.66 -16.40 -13.74
C LEU A 93 3.37 -17.76 -14.40
N GLY A 94 2.84 -18.71 -13.65
CA GLY A 94 2.34 -19.92 -14.27
C GLY A 94 2.25 -21.21 -13.49
N THR A 95 3.29 -21.54 -12.74
CA THR A 95 3.39 -22.88 -12.15
C THR A 95 2.59 -23.04 -10.87
N ILE A 96 2.19 -21.92 -10.28
CA ILE A 96 1.46 -21.95 -9.02
C ILE A 96 0.10 -21.27 -9.13
N ALA A 97 -0.96 -22.02 -8.81
CA ALA A 97 -2.31 -21.46 -8.76
C ALA A 97 -2.64 -21.03 -7.35
N ARG A 98 -2.97 -19.77 -7.18
CA ARG A 98 -3.23 -19.25 -5.85
C ARG A 98 -4.65 -19.55 -5.40
N SER A 99 -4.92 -19.33 -4.11
CA SER A 99 -6.23 -19.55 -3.53
C SER A 99 -7.32 -18.81 -4.31
N GLY A 100 -7.12 -17.51 -4.53
CA GLY A 100 -8.11 -16.69 -5.20
C GLY A 100 -8.42 -17.20 -6.61
N THR A 101 -7.37 -17.65 -7.30
CA THR A 101 -7.52 -18.13 -8.66
C THR A 101 -8.41 -19.37 -8.71
N LYS A 102 -8.17 -20.29 -7.77
CA LYS A 102 -8.98 -21.51 -7.72
C LYS A 102 -10.43 -21.19 -7.37
N ALA A 103 -10.61 -20.23 -6.47
CA ALA A 103 -11.96 -19.80 -6.07
C ALA A 103 -12.68 -19.13 -7.24
N PHE A 104 -11.95 -18.36 -8.03
CA PHE A 104 -12.53 -17.67 -9.18
C PHE A 104 -13.04 -18.70 -10.18
N MET A 105 -12.18 -19.67 -10.50
CA MET A 105 -12.52 -20.72 -11.45
C MET A 105 -13.70 -21.57 -11.01
N GLU A 106 -13.76 -21.94 -9.74
CA GLU A 106 -14.89 -22.72 -9.26
C GLU A 106 -16.17 -21.88 -9.31
N ALA A 107 -16.07 -20.62 -8.93
CA ALA A 107 -17.21 -19.72 -8.95
C ALA A 107 -17.77 -19.50 -10.36
N ILE A 108 -16.89 -19.23 -11.32
CA ILE A 108 -17.35 -18.92 -12.67
C ILE A 108 -17.89 -20.16 -13.37
N GLN A 109 -17.32 -21.31 -13.06
CA GLN A 109 -17.80 -22.56 -13.63
C GLN A 109 -19.17 -22.93 -13.08
N ALA A 110 -19.42 -22.59 -11.82
CA ALA A 110 -20.72 -22.87 -11.20
C ALA A 110 -21.79 -21.89 -11.67
N SER A 111 -21.43 -20.62 -11.85
CA SER A 111 -22.41 -19.59 -12.18
C SER A 111 -22.52 -19.31 -13.68
N GLY A 112 -21.44 -19.58 -14.42
CA GLY A 112 -21.38 -19.27 -15.83
C GLY A 112 -21.42 -17.77 -16.10
N ASP A 113 -21.33 -16.97 -15.04
CA ASP A 113 -21.42 -15.52 -15.14
C ASP A 113 -20.09 -14.90 -15.57
N ILE A 114 -19.96 -14.58 -16.85
CA ILE A 114 -18.66 -14.15 -17.36
C ILE A 114 -18.33 -12.70 -17.00
N SER A 115 -19.32 -11.95 -16.53
CA SER A 115 -19.06 -10.60 -16.04
C SER A 115 -18.14 -10.65 -14.81
N MET A 116 -17.94 -11.84 -14.25
CA MET A 116 -16.99 -12.03 -13.16
C MET A 116 -15.57 -11.60 -13.56
N ILE A 117 -15.26 -11.78 -14.83
CA ILE A 117 -13.96 -11.41 -15.34
C ILE A 117 -13.68 -9.94 -15.01
N GLY A 118 -14.71 -9.12 -15.12
CA GLY A 118 -14.57 -7.70 -14.81
C GLY A 118 -14.74 -7.42 -13.33
N GLN A 119 -15.69 -8.09 -12.69
CA GLN A 119 -15.97 -7.85 -11.28
C GLN A 119 -14.81 -8.25 -10.37
N PHE A 120 -14.24 -9.43 -10.59
CA PHE A 120 -13.20 -9.94 -9.71
C PHE A 120 -11.80 -9.90 -10.33
N GLY A 121 -11.74 -9.76 -11.65
CA GLY A 121 -10.48 -9.68 -12.37
C GLY A 121 -9.84 -11.03 -12.62
N VAL A 122 -8.93 -11.06 -13.60
CA VAL A 122 -8.14 -12.27 -13.89
C VAL A 122 -6.66 -11.92 -13.92
N GLY A 123 -6.33 -10.76 -13.40
CA GLY A 123 -4.95 -10.35 -13.23
C GLY A 123 -4.16 -10.29 -14.52
N PHE A 124 -2.91 -10.72 -14.43
CA PHE A 124 -1.97 -10.65 -15.53
C PHE A 124 -2.50 -11.33 -16.80
N TYR A 125 -3.26 -12.40 -16.62
CA TYR A 125 -3.71 -13.21 -17.75
C TYR A 125 -4.74 -12.50 -18.64
N SER A 126 -5.26 -11.38 -18.16
CA SER A 126 -6.17 -10.56 -18.96
C SER A 126 -5.46 -10.08 -20.22
N ALA A 127 -4.13 -10.11 -20.21
CA ALA A 127 -3.38 -9.75 -21.42
C ALA A 127 -3.85 -10.61 -22.60
N TYR A 128 -4.21 -11.85 -22.34
CA TYR A 128 -4.60 -12.74 -23.41
C TYR A 128 -6.00 -12.43 -23.96
N LEU A 129 -6.67 -11.45 -23.37
CA LEU A 129 -7.91 -10.97 -23.95
C LEU A 129 -7.63 -10.21 -25.25
N VAL A 130 -6.47 -9.55 -25.33
CA VAL A 130 -6.17 -8.71 -26.50
C VAL A 130 -4.89 -9.13 -27.24
N ALA A 131 -4.12 -10.04 -26.65
CA ALA A 131 -2.86 -10.45 -27.26
C ALA A 131 -2.80 -11.95 -27.55
N ASP A 132 -2.16 -12.30 -28.66
CA ASP A 132 -1.91 -13.69 -29.03
C ASP A 132 -0.69 -14.20 -28.30
N HIS A 133 0.26 -13.32 -28.07
CA HIS A 133 1.55 -13.70 -27.50
C HIS A 133 1.98 -12.60 -26.52
N VAL A 134 2.64 -13.01 -25.45
CA VAL A 134 3.06 -12.08 -24.41
C VAL A 134 4.50 -12.36 -23.99
N VAL A 135 5.29 -11.30 -23.88
CA VAL A 135 6.68 -11.39 -23.46
C VAL A 135 6.91 -10.54 -22.22
N VAL A 136 7.63 -11.10 -21.26
CA VAL A 136 7.94 -10.37 -20.04
C VAL A 136 9.44 -10.35 -19.80
N ILE A 137 10.03 -9.16 -19.86
CA ILE A 137 11.43 -9.00 -19.52
C ILE A 137 11.47 -8.43 -18.12
N SER A 138 12.25 -9.04 -17.24
CA SER A 138 12.30 -8.57 -15.86
C SER A 138 13.69 -8.63 -15.26
N LYS A 139 13.98 -7.64 -14.43
CA LYS A 139 15.26 -7.56 -13.71
C LYS A 139 15.02 -7.14 -12.27
N ASN A 140 15.39 -8.04 -11.36
CA ASN A 140 15.28 -7.83 -9.93
C ASN A 140 16.71 -7.69 -9.39
N ASN A 141 16.90 -6.92 -8.32
CA ASN A 141 18.23 -6.67 -7.77
C ASN A 141 19.02 -7.95 -7.51
N ASP A 142 18.31 -9.03 -7.19
CA ASP A 142 18.94 -10.25 -6.71
C ASP A 142 19.16 -11.32 -7.79
N ASP A 143 19.12 -10.90 -9.05
CA ASP A 143 19.30 -11.85 -10.15
C ASP A 143 19.60 -11.07 -11.43
N GLU A 144 19.98 -11.81 -12.48
CA GLU A 144 20.19 -11.23 -13.79
C GLU A 144 18.86 -11.04 -14.51
N GLN A 145 18.92 -10.48 -15.70
CA GLN A 145 17.72 -10.21 -16.47
C GLN A 145 17.24 -11.48 -17.15
N TYR A 146 15.94 -11.75 -17.06
CA TYR A 146 15.36 -12.93 -17.70
C TYR A 146 14.18 -12.58 -18.59
N VAL A 147 13.82 -13.51 -19.48
CA VAL A 147 12.71 -13.32 -20.39
C VAL A 147 11.72 -14.48 -20.27
N TRP A 148 10.47 -14.12 -20.03
CA TRP A 148 9.37 -15.06 -19.91
C TRP A 148 8.56 -14.89 -21.17
N GLU A 149 8.18 -15.99 -21.80
CA GLU A 149 7.37 -15.95 -23.01
C GLU A 149 6.29 -17.03 -22.99
N SER A 150 5.13 -16.69 -23.54
CA SER A 150 4.09 -17.70 -23.73
C SER A 150 3.07 -17.26 -24.77
N ALA A 151 2.72 -18.19 -25.64
CA ALA A 151 1.60 -18.01 -26.58
C ALA A 151 0.41 -18.81 -26.07
N ALA A 152 0.41 -19.07 -24.77
CA ALA A 152 -0.70 -19.75 -24.11
C ALA A 152 -0.97 -21.14 -24.68
N GLY A 153 0.04 -21.99 -24.71
CA GLY A 153 -0.16 -23.32 -25.25
C GLY A 153 0.01 -24.44 -24.24
N GLY A 154 -0.28 -24.12 -22.97
CA GLY A 154 -0.05 -25.06 -21.88
C GLY A 154 1.35 -24.91 -21.30
N SER A 155 2.19 -24.13 -21.97
CA SER A 155 3.55 -23.95 -21.48
C SER A 155 4.06 -22.52 -21.62
N PHE A 156 5.15 -22.24 -20.93
CA PHE A 156 5.89 -21.00 -21.12
C PHE A 156 7.39 -21.27 -21.01
N THR A 157 8.20 -20.36 -21.54
CA THR A 157 9.64 -20.50 -21.41
C THR A 157 10.23 -19.35 -20.59
N VAL A 158 11.35 -19.62 -19.96
CA VAL A 158 12.13 -18.59 -19.27
C VAL A 158 13.57 -18.72 -19.74
N THR A 159 14.12 -17.61 -20.22
CA THR A 159 15.45 -17.62 -20.82
C THR A 159 16.27 -16.47 -20.26
N LYS A 160 17.50 -16.76 -19.83
CA LYS A 160 18.37 -15.69 -19.38
C LYS A 160 18.54 -14.70 -20.53
N ASP A 161 18.32 -13.42 -20.26
CA ASP A 161 18.31 -12.43 -21.33
C ASP A 161 19.72 -12.03 -21.73
N GLU A 162 20.03 -12.21 -23.01
CA GLU A 162 21.29 -11.72 -23.56
C GLU A 162 21.11 -11.08 -24.94
N THR A 163 19.87 -10.74 -25.26
CA THR A 163 19.56 -10.06 -26.52
C THR A 163 19.00 -8.65 -26.30
N ASN A 164 18.23 -8.48 -25.23
CA ASN A 164 17.53 -7.22 -25.02
C ASN A 164 18.32 -6.19 -24.21
N GLU A 165 17.97 -4.93 -24.41
CA GLU A 165 18.51 -3.83 -23.64
C GLU A 165 18.28 -4.05 -22.15
N LYS A 166 19.31 -3.77 -21.34
CA LYS A 166 19.23 -3.96 -19.89
C LYS A 166 18.27 -2.95 -19.25
N LEU A 167 17.40 -3.45 -18.37
CA LEU A 167 16.41 -2.62 -17.72
C LEU A 167 16.97 -1.86 -16.53
N GLY A 168 18.02 -2.42 -15.91
CA GLY A 168 18.54 -1.88 -14.67
C GLY A 168 17.77 -2.44 -13.50
N ARG A 169 16.48 -2.14 -13.46
CA ARG A 169 15.55 -2.75 -12.51
C ARG A 169 14.14 -2.51 -12.98
N GLY A 170 13.33 -3.55 -12.98
CA GLY A 170 11.93 -3.42 -13.32
C GLY A 170 11.44 -4.47 -14.28
N THR A 171 10.32 -4.18 -14.93
CA THR A 171 9.66 -5.16 -15.77
C THR A 171 9.11 -4.52 -17.03
N LYS A 172 9.15 -5.29 -18.12
CA LYS A 172 8.62 -4.82 -19.39
C LYS A 172 7.66 -5.87 -19.90
N ILE A 173 6.36 -5.55 -19.94
CA ILE A 173 5.37 -6.47 -20.49
C ILE A 173 5.08 -6.11 -21.94
N ILE A 174 5.36 -7.03 -22.85
CA ILE A 174 5.15 -6.76 -24.27
C ILE A 174 3.97 -7.57 -24.81
N LEU A 175 2.91 -6.87 -25.20
CA LEU A 175 1.74 -7.54 -25.74
C LEU A 175 1.77 -7.49 -27.25
N HIS A 176 1.76 -8.66 -27.87
CA HIS A 176 1.58 -8.73 -29.32
C HIS A 176 0.09 -8.84 -29.60
N LEU A 177 -0.50 -7.71 -29.99
CA LEU A 177 -1.94 -7.58 -30.08
C LEU A 177 -2.52 -8.44 -31.20
N LYS A 178 -3.71 -8.99 -30.93
CA LYS A 178 -4.50 -9.67 -31.95
C LYS A 178 -4.86 -8.70 -33.06
N GLU A 179 -5.10 -9.24 -34.25
CA GLU A 179 -5.33 -8.43 -35.43
C GLU A 179 -6.55 -7.52 -35.30
N ASP A 180 -7.54 -7.94 -34.53
CA ASP A 180 -8.75 -7.16 -34.38
C ASP A 180 -8.75 -6.28 -33.12
N GLN A 181 -7.60 -6.17 -32.46
CA GLN A 181 -7.51 -5.40 -31.22
C GLN A 181 -6.52 -4.25 -31.33
N LEU A 182 -6.32 -3.73 -32.53
CA LEU A 182 -5.31 -2.70 -32.75
C LEU A 182 -5.72 -1.32 -32.21
N GLU A 183 -6.98 -1.19 -31.82
CA GLU A 183 -7.45 0.07 -31.26
C GLU A 183 -6.59 0.48 -30.06
N TYR A 184 -5.98 -0.49 -29.39
CA TYR A 184 -5.22 -0.22 -28.18
C TYR A 184 -3.83 0.32 -28.49
N LEU A 185 -3.55 0.56 -29.76
CA LEU A 185 -2.34 1.27 -30.15
C LEU A 185 -2.61 2.76 -30.29
N GLU A 186 -3.89 3.14 -30.24
CA GLU A 186 -4.26 4.54 -30.46
C GLU A 186 -4.06 5.32 -29.18
N GLU A 187 -3.47 6.50 -29.29
CA GLU A 187 -3.11 7.22 -28.08
C GLU A 187 -4.32 7.76 -27.33
N LYS A 188 -5.36 8.21 -28.03
CA LYS A 188 -6.59 8.60 -27.34
C LYS A 188 -7.22 7.44 -26.57
N ARG A 189 -7.28 6.26 -27.19
CA ARG A 189 -7.84 5.10 -26.52
C ARG A 189 -7.09 4.83 -25.22
N ILE A 190 -5.77 4.84 -25.31
CA ILE A 190 -4.92 4.59 -24.14
C ILE A 190 -5.11 5.64 -23.04
N LYS A 191 -5.01 6.90 -23.41
CA LYS A 191 -5.13 7.98 -22.45
C LYS A 191 -6.44 7.91 -21.68
N ASP A 192 -7.53 7.62 -22.39
CA ASP A 192 -8.84 7.57 -21.74
C ASP A 192 -8.91 6.41 -20.75
N LEU A 193 -8.34 5.27 -21.13
CA LEU A 193 -8.28 4.11 -20.23
C LEU A 193 -7.44 4.40 -19.00
N VAL A 194 -6.26 4.98 -19.20
CA VAL A 194 -5.35 5.27 -18.10
C VAL A 194 -5.98 6.27 -17.15
N LYS A 195 -6.64 7.28 -17.71
CA LYS A 195 -7.26 8.31 -16.90
C LYS A 195 -8.33 7.70 -16.01
N LYS A 196 -9.03 6.71 -16.56
CA LYS A 196 -10.12 6.06 -15.86
C LYS A 196 -9.63 5.30 -14.60
N HIS A 197 -8.42 4.76 -14.64
CA HIS A 197 -7.98 3.87 -13.56
C HIS A 197 -6.74 4.33 -12.79
N SER A 198 -6.29 5.56 -13.01
CA SER A 198 -4.98 5.96 -12.49
C SER A 198 -5.01 6.98 -11.36
N GLU A 199 -6.19 7.35 -10.89
CA GLU A 199 -6.26 8.44 -9.91
C GLU A 199 -5.38 8.18 -8.68
N PHE A 200 -5.32 6.92 -8.24
CA PHE A 200 -4.61 6.62 -7.00
C PHE A 200 -3.30 5.88 -7.20
N ILE A 201 -2.77 5.97 -8.41
CA ILE A 201 -1.42 5.47 -8.70
C ILE A 201 -0.41 6.58 -8.44
N SER A 202 0.37 6.43 -7.38
CA SER A 202 1.24 7.49 -6.93
C SER A 202 2.65 7.35 -7.49
N PHE A 203 2.72 7.04 -8.79
CA PHE A 203 3.97 7.03 -9.54
C PHE A 203 3.65 7.72 -10.86
N PRO A 204 4.67 8.34 -11.49
CA PRO A 204 4.48 9.04 -12.78
C PRO A 204 4.20 8.07 -13.92
N ILE A 205 3.17 8.37 -14.71
CA ILE A 205 2.83 7.55 -15.87
C ILE A 205 3.06 8.33 -17.16
N LYS A 206 3.81 7.77 -18.09
CA LYS A 206 4.11 8.45 -19.34
C LYS A 206 3.76 7.61 -20.57
N LEU A 207 3.29 8.30 -21.60
CA LEU A 207 2.92 7.67 -22.85
C LEU A 207 3.84 8.12 -23.99
N TYR A 208 4.37 7.16 -24.74
CA TYR A 208 5.21 7.44 -25.90
C TYR A 208 4.34 7.84 -27.10
N CYS A 209 4.53 9.06 -27.59
CA CYS A 209 3.72 9.62 -28.67
C CYS A 209 4.55 10.04 -29.87
N GLU A 210 3.86 10.46 -30.93
CA GLU A 210 4.52 10.95 -32.13
C GLU A 210 3.67 12.01 -32.84
N HIS A 217 8.79 11.93 -32.18
CA HIS A 217 8.32 11.16 -31.04
C HIS A 217 8.65 11.85 -29.71
N GLU A 218 7.79 11.67 -28.71
CA GLU A 218 7.98 12.30 -27.41
C GLU A 218 7.14 11.67 -26.29
N TRP A 219 7.56 11.88 -25.05
CA TRP A 219 6.85 11.34 -23.90
C TRP A 219 5.81 12.30 -23.35
N GLU A 220 4.57 11.82 -23.24
CA GLU A 220 3.49 12.62 -22.68
C GLU A 220 3.11 12.17 -21.27
N GLU A 221 2.99 13.13 -20.37
CA GLU A 221 2.69 12.86 -18.96
C GLU A 221 1.18 12.67 -18.76
N LEU A 222 0.80 11.53 -18.20
CA LEU A 222 -0.62 11.23 -18.03
C LEU A 222 -1.11 11.58 -16.63
N ASN A 223 -0.18 11.83 -15.72
CA ASN A 223 -0.55 12.25 -14.37
C ASN A 223 0.54 13.13 -13.73
N SER B 2 21.69 10.63 16.18
CA SER B 2 21.49 11.63 15.12
C SER B 2 20.07 11.56 14.55
N THR B 3 19.71 12.60 13.81
CA THR B 3 18.36 12.73 13.27
C THR B 3 18.31 12.45 11.78
N GLU B 4 17.44 11.53 11.37
CA GLU B 4 17.21 11.27 9.95
C GLU B 4 15.96 11.97 9.48
N THR B 5 16.07 12.60 8.31
CA THR B 5 14.94 13.32 7.71
C THR B 5 14.49 12.61 6.45
N PHE B 6 13.19 12.38 6.34
CA PHE B 6 12.64 11.69 5.18
C PHE B 6 11.60 12.59 4.52
N ALA B 7 11.75 12.79 3.21
CA ALA B 7 10.71 13.48 2.46
C ALA B 7 9.54 12.51 2.30
N PHE B 8 8.31 13.00 2.48
CA PHE B 8 7.15 12.15 2.29
C PHE B 8 7.09 11.58 0.87
N ASN B 9 6.83 10.29 0.77
CA ASN B 9 6.59 9.66 -0.54
C ASN B 9 5.22 10.04 -1.07
N ALA B 10 5.02 9.85 -2.37
CA ALA B 10 3.79 10.29 -3.03
C ALA B 10 2.54 9.59 -2.51
N ASP B 11 2.65 8.35 -2.08
CA ASP B 11 1.48 7.64 -1.55
C ASP B 11 0.97 8.26 -0.24
N ILE B 12 1.89 8.58 0.66
CA ILE B 12 1.52 9.24 1.91
C ILE B 12 0.99 10.64 1.64
N ARG B 13 1.60 11.34 0.69
CA ARG B 13 1.13 12.66 0.32
C ARG B 13 -0.31 12.59 -0.17
N GLN B 14 -0.61 11.60 -0.99
CA GLN B 14 -1.97 11.47 -1.52
C GLN B 14 -2.93 10.99 -0.43
N LEU B 15 -2.48 10.10 0.44
CA LEU B 15 -3.32 9.62 1.52
C LEU B 15 -3.77 10.78 2.39
N MET B 16 -2.83 11.64 2.73
CA MET B 16 -3.14 12.82 3.56
C MET B 16 -4.21 13.68 2.91
N SER B 17 -4.08 13.91 1.61
CA SER B 17 -5.05 14.72 0.86
C SER B 17 -6.41 14.05 0.86
N LEU B 18 -6.43 12.75 0.63
CA LEU B 18 -7.66 11.99 0.58
C LEU B 18 -8.38 12.07 1.93
N ILE B 19 -7.61 11.88 3.00
CA ILE B 19 -8.16 11.98 4.34
C ILE B 19 -8.77 13.36 4.58
N ILE B 20 -8.05 14.40 4.17
CA ILE B 20 -8.55 15.76 4.33
C ILE B 20 -9.80 16.03 3.49
N ASN B 21 -9.82 15.52 2.26
CA ASN B 21 -10.97 15.74 1.40
C ASN B 21 -12.21 14.97 1.85
N THR B 22 -11.99 13.85 2.52
CA THR B 22 -13.08 12.97 2.91
C THR B 22 -13.68 13.33 4.27
N PHE B 23 -12.85 13.85 5.17
CA PHE B 23 -13.28 14.01 6.55
C PHE B 23 -13.18 15.43 7.10
N TYR B 24 -13.00 16.43 6.24
CA TYR B 24 -12.85 17.79 6.74
C TYR B 24 -14.11 18.29 7.45
N SER B 25 -15.26 17.75 7.08
CA SER B 25 -16.52 18.13 7.73
C SER B 25 -16.84 17.24 8.93
N ASN B 26 -16.03 16.21 9.13
CA ASN B 26 -16.22 15.27 10.23
C ASN B 26 -14.91 15.02 10.97
N LYS B 27 -14.34 16.09 11.51
CA LYS B 27 -12.98 16.04 12.06
C LYS B 27 -12.83 15.20 13.33
N GLU B 28 -13.93 15.04 14.08
CA GLU B 28 -13.86 14.41 15.38
C GLU B 28 -13.41 12.95 15.36
N ILE B 29 -13.53 12.30 14.20
CA ILE B 29 -13.17 10.89 14.10
C ILE B 29 -11.70 10.63 14.42
N PHE B 30 -10.88 11.68 14.39
CA PHE B 30 -9.47 11.51 14.68
C PHE B 30 -9.24 10.78 16.01
N LEU B 31 -10.05 11.12 17.02
CA LEU B 31 -9.88 10.52 18.33
C LEU B 31 -10.19 9.02 18.28
N ARG B 32 -11.26 8.67 17.57
CA ARG B 32 -11.61 7.28 17.34
C ARG B 32 -10.42 6.53 16.73
N GLU B 33 -9.82 7.11 15.70
CA GLU B 33 -8.73 6.45 14.99
C GLU B 33 -7.49 6.22 15.86
N LEU B 34 -7.15 7.20 16.68
CA LEU B 34 -5.99 7.06 17.57
C LEU B 34 -6.23 6.00 18.64
N ILE B 35 -7.45 5.96 19.17
CA ILE B 35 -7.79 4.97 20.17
C ILE B 35 -7.83 3.58 19.55
N SER B 36 -8.31 3.51 18.31
CA SER B 36 -8.37 2.26 17.57
C SER B 36 -6.97 1.68 17.31
N ASN B 37 -6.04 2.54 16.89
CA ASN B 37 -4.66 2.11 16.68
C ASN B 37 -4.04 1.62 17.98
N ALA B 38 -4.32 2.34 19.06
CA ALA B 38 -3.79 1.94 20.35
C ALA B 38 -4.37 0.60 20.78
N SER B 39 -5.68 0.44 20.60
CA SER B 39 -6.35 -0.81 20.97
C SER B 39 -5.74 -1.99 20.20
N ASP B 40 -5.45 -1.78 18.92
CA ASP B 40 -4.82 -2.81 18.10
C ASP B 40 -3.45 -3.19 18.66
N ALA B 41 -2.67 -2.21 19.07
CA ALA B 41 -1.33 -2.48 19.58
C ALA B 41 -1.40 -3.25 20.90
N LEU B 42 -2.41 -2.92 21.70
CA LEU B 42 -2.61 -3.59 22.97
C LEU B 42 -3.09 -5.01 22.75
N ASP B 43 -3.97 -5.20 21.78
CA ASP B 43 -4.42 -6.52 21.37
C ASP B 43 -3.21 -7.39 21.07
N LYS B 44 -2.27 -6.83 20.32
CA LYS B 44 -1.13 -7.61 19.88
C LYS B 44 -0.25 -8.05 21.06
N ILE B 45 0.12 -7.11 21.93
CA ILE B 45 0.97 -7.48 23.06
C ILE B 45 0.23 -8.41 24.03
N ARG B 46 -1.06 -8.17 24.23
CA ARG B 46 -1.82 -9.01 25.14
C ARG B 46 -1.85 -10.44 24.63
N TYR B 47 -2.11 -10.60 23.34
CA TYR B 47 -2.16 -11.93 22.77
C TYR B 47 -0.83 -12.66 22.89
N GLU B 48 0.24 -12.00 22.45
CA GLU B 48 1.57 -12.61 22.47
C GLU B 48 2.00 -12.99 23.88
N SER B 49 1.49 -12.26 24.87
CA SER B 49 1.96 -12.40 26.25
C SER B 49 1.24 -13.49 27.03
N ILE B 50 0.10 -13.96 26.53
CA ILE B 50 -0.61 -15.02 27.22
C ILE B 50 0.25 -16.28 27.30
N THR B 51 1.07 -16.51 26.27
CA THR B 51 1.95 -17.67 26.24
C THR B 51 3.43 -17.33 26.47
N ASP B 52 3.72 -16.03 26.62
CA ASP B 52 5.08 -15.56 26.84
C ASP B 52 5.09 -14.32 27.75
N THR B 53 4.99 -14.57 29.05
CA THR B 53 4.83 -13.50 30.03
C THR B 53 6.03 -12.56 30.10
N GLN B 54 7.20 -13.04 29.68
CA GLN B 54 8.39 -12.20 29.67
C GLN B 54 8.20 -11.00 28.76
N LYS B 55 7.30 -11.11 27.80
CA LYS B 55 7.09 -10.02 26.86
C LYS B 55 6.51 -8.78 27.54
N LEU B 56 5.96 -8.96 28.73
CA LEU B 56 5.38 -7.85 29.48
C LEU B 56 6.35 -7.18 30.47
N SER B 57 7.59 -7.68 30.52
CA SER B 57 8.57 -7.25 31.53
C SER B 57 8.66 -5.74 31.76
N ALA B 58 8.64 -4.96 30.70
CA ALA B 58 8.81 -3.51 30.82
C ALA B 58 7.54 -2.76 31.26
N GLU B 59 6.38 -3.41 31.19
CA GLU B 59 5.13 -2.77 31.55
C GLU B 59 3.98 -3.78 31.59
N PRO B 60 3.59 -4.22 32.80
CA PRO B 60 2.61 -5.29 32.96
C PRO B 60 1.18 -4.84 32.73
N GLU B 61 0.92 -3.54 32.82
CA GLU B 61 -0.44 -3.03 32.67
C GLU B 61 -0.76 -2.67 31.22
N PHE B 62 -2.00 -2.95 30.83
CA PHE B 62 -2.52 -2.49 29.55
C PHE B 62 -3.37 -1.26 29.79
N PHE B 63 -3.12 -0.19 29.05
CA PHE B 63 -3.89 1.03 29.26
C PHE B 63 -3.85 1.97 28.06
N ILE B 64 -4.86 2.83 27.99
CA ILE B 64 -4.88 3.94 27.07
C ILE B 64 -5.13 5.20 27.88
N ARG B 65 -4.18 6.12 27.85
CA ARG B 65 -4.30 7.38 28.59
C ARG B 65 -4.48 8.56 27.65
N ILE B 66 -5.43 9.43 27.97
CA ILE B 66 -5.68 10.63 27.19
C ILE B 66 -5.39 11.84 28.06
N ILE B 67 -4.53 12.73 27.58
CA ILE B 67 -4.04 13.83 28.39
C ILE B 67 -4.11 15.17 27.66
N PRO B 68 -5.13 15.98 27.99
CA PRO B 68 -5.24 17.33 27.44
C PRO B 68 -4.31 18.25 28.21
N ASP B 69 -3.74 19.23 27.53
CA ASP B 69 -2.86 20.20 28.18
C ASP B 69 -3.14 21.58 27.59
N LYS B 70 -3.94 22.38 28.30
CA LYS B 70 -4.31 23.70 27.82
C LYS B 70 -3.13 24.66 27.87
N THR B 71 -2.11 24.31 28.65
CA THR B 71 -0.92 25.14 28.77
C THR B 71 -0.20 25.30 27.43
N ASN B 72 -0.02 24.19 26.72
CA ASN B 72 0.66 24.22 25.43
C ASN B 72 -0.23 23.75 24.27
N ASN B 73 -1.52 23.57 24.55
CA ASN B 73 -2.50 23.15 23.54
C ASN B 73 -2.15 21.83 22.86
N THR B 74 -1.77 20.84 23.66
CA THR B 74 -1.47 19.52 23.14
C THR B 74 -2.43 18.49 23.71
N LEU B 75 -2.83 17.55 22.86
CA LEU B 75 -3.63 16.42 23.30
C LEU B 75 -2.78 15.17 23.12
N THR B 76 -2.60 14.41 24.20
CA THR B 76 -1.70 13.28 24.18
C THR B 76 -2.46 11.97 24.38
N ILE B 77 -2.19 11.00 23.50
CA ILE B 77 -2.75 9.66 23.65
C ILE B 77 -1.59 8.70 23.81
N GLU B 78 -1.51 8.03 24.95
CA GLU B 78 -0.47 7.03 25.12
C GLU B 78 -1.03 5.67 25.52
N ASP B 79 -0.34 4.62 25.11
CA ASP B 79 -0.80 3.26 25.32
C ASP B 79 0.39 2.38 25.67
N SER B 80 0.13 1.28 26.35
CA SER B 80 1.18 0.32 26.67
C SER B 80 1.12 -0.85 25.69
N GLY B 81 0.76 -0.55 24.45
CA GLY B 81 0.67 -1.56 23.41
C GLY B 81 2.03 -2.12 23.05
N ILE B 82 2.11 -2.80 21.92
CA ILE B 82 3.33 -3.50 21.55
C ILE B 82 4.48 -2.55 21.17
N GLY B 83 4.12 -1.31 20.85
CA GLY B 83 5.10 -0.32 20.47
C GLY B 83 5.71 -0.55 19.10
N MET B 84 6.53 0.40 18.64
CA MET B 84 7.14 0.33 17.32
C MET B 84 8.66 0.52 17.40
N THR B 85 9.39 -0.31 16.66
CA THR B 85 10.82 -0.13 16.50
C THR B 85 11.06 1.05 15.55
N LYS B 86 12.33 1.38 15.34
CA LYS B 86 12.69 2.44 14.41
C LYS B 86 12.19 2.15 13.01
N ASN B 87 12.47 0.94 12.53
CA ASN B 87 12.00 0.54 11.21
C ASN B 87 10.48 0.49 11.11
N ASP B 88 9.81 0.15 12.22
CA ASP B 88 8.35 0.14 12.26
C ASP B 88 7.83 1.54 12.02
N LEU B 89 8.39 2.52 12.74
CA LEU B 89 8.00 3.90 12.58
C LEU B 89 8.14 4.32 11.13
N ILE B 90 9.27 3.99 10.52
CA ILE B 90 9.55 4.43 9.16
C ILE B 90 8.62 3.73 8.16
N ASN B 91 8.46 2.42 8.29
CA ASN B 91 7.57 1.66 7.41
C ASN B 91 6.08 2.00 7.60
N ASN B 92 5.64 2.07 8.85
CA ASN B 92 4.23 2.35 9.13
C ASN B 92 3.79 3.76 8.75
N LEU B 93 4.67 4.73 8.90
CA LEU B 93 4.30 6.12 8.66
C LEU B 93 4.84 6.67 7.34
N GLY B 94 5.81 5.99 6.76
CA GLY B 94 6.43 6.44 5.52
C GLY B 94 5.83 5.82 4.28
N THR B 95 5.01 4.78 4.48
CA THR B 95 4.30 4.14 3.37
C THR B 95 2.91 3.74 3.82
N ILE B 96 1.99 3.62 2.87
CA ILE B 96 0.66 3.12 3.19
C ILE B 96 0.76 1.63 3.46
N ALA B 97 1.50 0.93 2.61
CA ALA B 97 1.65 -0.51 2.70
C ALA B 97 2.77 -0.91 1.74
N ARG B 98 3.28 -2.13 1.88
CA ARG B 98 4.35 -2.59 0.99
C ARG B 98 3.84 -2.79 -0.44
N SER B 99 2.55 -3.06 -0.58
CA SER B 99 1.98 -3.38 -1.87
C SER B 99 0.48 -3.10 -1.86
N GLY B 100 -0.08 -2.74 -3.01
CA GLY B 100 -1.49 -2.43 -3.11
C GLY B 100 -1.92 -1.07 -2.56
N THR B 101 -1.00 -0.10 -2.51
CA THR B 101 -1.36 1.25 -2.06
C THR B 101 -2.55 1.81 -2.85
N LYS B 102 -2.54 1.59 -4.16
CA LYS B 102 -3.64 1.98 -5.03
C LYS B 102 -4.99 1.43 -4.55
N ALA B 103 -5.02 0.13 -4.23
CA ALA B 103 -6.26 -0.51 -3.80
C ALA B 103 -6.72 0.02 -2.43
N PHE B 104 -5.78 0.24 -1.53
CA PHE B 104 -6.14 0.84 -0.24
C PHE B 104 -6.83 2.20 -0.37
N MET B 105 -6.30 3.06 -1.22
CA MET B 105 -6.87 4.41 -1.37
C MET B 105 -8.18 4.38 -2.12
N GLU B 106 -8.29 3.51 -3.12
CA GLU B 106 -9.56 3.30 -3.79
C GLU B 106 -10.64 2.83 -2.82
N ALA B 107 -10.25 1.95 -1.90
CA ALA B 107 -11.20 1.44 -0.92
C ALA B 107 -11.73 2.58 -0.03
N ILE B 108 -10.83 3.43 0.43
CA ILE B 108 -11.21 4.56 1.26
C ILE B 108 -12.14 5.50 0.50
N GLN B 109 -11.79 5.76 -0.76
CA GLN B 109 -12.57 6.65 -1.60
C GLN B 109 -14.00 6.15 -1.81
N ALA B 110 -14.12 4.87 -2.15
CA ALA B 110 -15.42 4.29 -2.48
C ALA B 110 -16.34 4.22 -1.26
N SER B 111 -15.78 3.90 -0.11
CA SER B 111 -16.55 3.73 1.10
C SER B 111 -16.72 5.03 1.91
N GLY B 112 -15.85 6.01 1.67
CA GLY B 112 -15.85 7.22 2.46
C GLY B 112 -15.54 6.95 3.93
N ASP B 113 -14.80 5.88 4.18
CA ASP B 113 -14.51 5.44 5.54
C ASP B 113 -13.10 4.87 5.69
N ILE B 114 -12.47 5.11 6.84
CA ILE B 114 -11.14 4.56 7.11
C ILE B 114 -11.14 3.57 8.25
N SER B 115 -12.26 3.44 8.94
CA SER B 115 -12.33 2.56 10.11
C SER B 115 -12.13 1.08 9.72
N MET B 116 -12.55 0.71 8.51
CA MET B 116 -12.40 -0.65 8.02
C MET B 116 -10.92 -1.05 7.91
N ILE B 117 -10.10 -0.12 7.43
CA ILE B 117 -8.69 -0.40 7.15
C ILE B 117 -7.85 -0.55 8.41
N GLY B 118 -6.98 -1.54 8.41
CA GLY B 118 -6.17 -1.87 9.57
C GLY B 118 -4.80 -1.20 9.60
N GLN B 119 -4.33 -0.76 8.45
CA GLN B 119 -3.00 -0.16 8.36
C GLN B 119 -2.88 0.99 9.37
N PHE B 120 -1.84 0.93 10.19
CA PHE B 120 -1.59 1.94 11.22
C PHE B 120 -1.64 3.36 10.65
N GLY B 121 -0.89 3.59 9.58
CA GLY B 121 -0.76 4.92 8.99
C GLY B 121 -2.07 5.55 8.56
N VAL B 122 -2.94 4.76 7.94
CA VAL B 122 -4.21 5.26 7.45
C VAL B 122 -5.02 5.90 8.57
N GLY B 123 -5.07 5.23 9.73
CA GLY B 123 -5.76 5.78 10.88
C GLY B 123 -5.03 6.98 11.47
N PHE B 124 -3.71 6.86 11.54
CA PHE B 124 -2.88 7.87 12.19
C PHE B 124 -2.97 9.26 11.55
N TYR B 125 -2.97 9.33 10.22
CA TYR B 125 -2.91 10.61 9.54
C TYR B 125 -4.20 11.43 9.65
N SER B 126 -5.24 10.82 10.20
CA SER B 126 -6.45 11.56 10.53
C SER B 126 -6.14 12.62 11.60
N ALA B 127 -5.03 12.44 12.31
CA ALA B 127 -4.65 13.39 13.35
C ALA B 127 -4.49 14.80 12.80
N TYR B 128 -4.03 14.91 11.55
CA TYR B 128 -3.81 16.23 10.96
C TYR B 128 -5.11 16.91 10.58
N LEU B 129 -6.23 16.26 10.83
CA LEU B 129 -7.52 16.93 10.69
C LEU B 129 -7.62 18.03 11.74
N VAL B 130 -6.98 17.84 12.88
CA VAL B 130 -7.11 18.77 14.00
C VAL B 130 -5.78 19.32 14.51
N ALA B 131 -4.68 18.69 14.11
CA ALA B 131 -3.36 19.08 14.58
C ALA B 131 -2.53 19.61 13.42
N ASP B 132 -1.64 20.57 13.70
CA ASP B 132 -0.71 21.01 12.66
C ASP B 132 0.70 20.48 12.91
N HIS B 133 0.87 19.77 14.02
CA HIS B 133 2.14 19.11 14.28
C HIS B 133 1.93 17.88 15.18
N VAL B 134 2.56 16.78 14.82
CA VAL B 134 2.40 15.57 15.61
C VAL B 134 3.73 14.95 15.96
N VAL B 135 3.86 14.52 17.22
CA VAL B 135 5.03 13.81 17.69
C VAL B 135 4.63 12.39 18.08
N VAL B 136 5.39 11.41 17.61
CA VAL B 136 5.18 10.03 18.02
C VAL B 136 6.40 9.48 18.76
N ILE B 137 6.21 9.13 20.03
CA ILE B 137 7.26 8.48 20.79
C ILE B 137 6.86 7.02 20.98
N SER B 138 7.76 6.10 20.67
CA SER B 138 7.42 4.68 20.71
C SER B 138 8.58 3.82 21.19
N LYS B 139 8.24 2.74 21.89
CA LYS B 139 9.22 1.78 22.39
C LYS B 139 8.69 0.37 22.23
N ASN B 140 9.40 -0.42 21.43
CA ASN B 140 9.10 -1.84 21.25
C ASN B 140 10.17 -2.65 21.96
N ASN B 141 9.82 -3.81 22.49
CA ASN B 141 10.79 -4.66 23.20
C ASN B 141 12.09 -4.86 22.43
N ASP B 142 11.99 -4.93 21.11
CA ASP B 142 13.13 -5.31 20.28
C ASP B 142 14.03 -4.15 19.86
N ASP B 143 13.73 -2.95 20.33
CA ASP B 143 14.53 -1.80 19.95
C ASP B 143 14.58 -0.75 21.06
N GLU B 144 15.34 0.32 20.81
CA GLU B 144 15.40 1.47 21.70
C GLU B 144 14.21 2.39 21.45
N GLN B 145 14.01 3.35 22.36
CA GLN B 145 12.95 4.32 22.19
C GLN B 145 13.29 5.31 21.09
N TYR B 146 12.33 5.58 20.20
CA TYR B 146 12.54 6.49 19.09
C TYR B 146 11.45 7.54 19.02
N VAL B 147 11.74 8.66 18.35
CA VAL B 147 10.80 9.76 18.20
C VAL B 147 10.60 10.10 16.73
N TRP B 148 9.34 10.19 16.33
CA TRP B 148 8.96 10.57 14.97
C TRP B 148 8.26 11.92 15.06
N GLU B 149 8.58 12.83 14.15
CA GLU B 149 8.02 14.18 14.19
C GLU B 149 7.66 14.68 12.80
N SER B 150 6.51 15.34 12.68
CA SER B 150 6.15 15.98 11.41
C SER B 150 5.04 17.02 11.52
N ALA B 151 5.16 18.06 10.71
CA ALA B 151 4.13 19.09 10.58
C ALA B 151 3.28 18.80 9.35
N ALA B 152 3.43 17.61 8.80
CA ALA B 152 2.82 17.25 7.51
C ALA B 152 3.22 18.23 6.43
N GLY B 153 4.42 18.78 6.56
CA GLY B 153 4.93 19.77 5.63
C GLY B 153 6.08 19.27 4.79
N GLY B 154 5.90 18.12 4.15
CA GLY B 154 6.89 17.64 3.19
C GLY B 154 7.94 16.71 3.75
N SER B 155 8.16 16.78 5.05
CA SER B 155 9.18 15.94 5.66
C SER B 155 8.78 15.41 7.04
N PHE B 156 9.34 14.27 7.43
CA PHE B 156 9.26 13.84 8.80
C PHE B 156 10.66 13.45 9.24
N THR B 157 10.89 13.45 10.55
CA THR B 157 12.18 13.04 11.09
C THR B 157 12.00 11.87 12.04
N VAL B 158 13.03 11.05 12.15
CA VAL B 158 13.07 9.98 13.13
C VAL B 158 14.39 10.10 13.89
N THR B 159 14.30 10.05 15.21
CA THR B 159 15.48 10.24 16.05
C THR B 159 15.48 9.29 17.24
N LYS B 160 16.63 8.71 17.54
CA LYS B 160 16.78 7.94 18.76
C LYS B 160 16.47 8.86 19.95
N ASP B 161 15.63 8.38 20.86
CA ASP B 161 15.12 9.23 21.94
C ASP B 161 16.10 9.33 23.10
N GLU B 162 16.69 10.51 23.28
CA GLU B 162 17.64 10.74 24.36
C GLU B 162 17.15 11.80 25.33
N THR B 163 15.96 12.33 25.10
CA THR B 163 15.46 13.44 25.90
C THR B 163 14.22 13.10 26.71
N ASN B 164 13.28 12.39 26.09
CA ASN B 164 12.00 12.12 26.74
C ASN B 164 12.06 11.02 27.80
N GLU B 165 11.10 11.08 28.72
CA GLU B 165 10.87 10.03 29.70
C GLU B 165 10.72 8.68 29.00
N LYS B 166 11.25 7.63 29.62
CA LYS B 166 11.18 6.27 29.06
C LYS B 166 9.78 5.68 29.20
N LEU B 167 9.26 5.13 28.10
CA LEU B 167 7.92 4.55 28.09
C LEU B 167 7.87 3.16 28.72
N GLY B 168 8.99 2.45 28.68
CA GLY B 168 8.99 1.04 29.04
C GLY B 168 8.56 0.20 27.86
N ARG B 169 7.32 0.37 27.43
CA ARG B 169 6.81 -0.27 26.22
C ARG B 169 5.53 0.41 25.78
N GLY B 170 5.43 0.72 24.48
CA GLY B 170 4.21 1.31 23.96
C GLY B 170 4.43 2.55 23.13
N THR B 171 3.39 3.37 23.01
CA THR B 171 3.43 4.50 22.11
C THR B 171 2.76 5.72 22.73
N LYS B 172 3.37 6.87 22.52
CA LYS B 172 2.82 8.12 23.02
C LYS B 172 2.70 9.07 21.84
N ILE B 173 1.48 9.51 21.56
CA ILE B 173 1.25 10.41 20.44
C ILE B 173 0.82 11.78 20.96
N ILE B 174 1.51 12.81 20.51
CA ILE B 174 1.27 14.16 20.99
C ILE B 174 0.78 15.07 19.87
N LEU B 175 -0.47 15.49 19.96
CA LEU B 175 -1.05 16.37 18.94
C LEU B 175 -0.97 17.83 19.36
N HIS B 176 -0.28 18.63 18.54
CA HIS B 176 -0.30 20.08 18.69
C HIS B 176 -1.49 20.62 17.91
N LEU B 177 -2.55 20.95 18.63
CA LEU B 177 -3.83 21.29 18.02
C LEU B 177 -3.82 22.65 17.32
N LYS B 178 -4.54 22.74 16.21
CA LYS B 178 -4.77 24.01 15.53
C LYS B 178 -5.56 24.94 16.44
N GLU B 179 -5.45 26.24 16.16
CA GLU B 179 -6.07 27.27 17.01
C GLU B 179 -7.60 27.15 17.04
N ASP B 180 -8.19 26.67 15.96
CA ASP B 180 -9.64 26.54 15.90
C ASP B 180 -10.15 25.16 16.33
N GLN B 181 -9.27 24.35 16.91
CA GLN B 181 -9.64 22.99 17.33
C GLN B 181 -9.39 22.72 18.81
N LEU B 182 -9.42 23.76 19.63
CA LEU B 182 -9.13 23.60 21.05
C LEU B 182 -10.29 22.99 21.85
N GLU B 183 -11.40 22.73 21.18
CA GLU B 183 -12.53 22.09 21.84
C GLU B 183 -12.15 20.70 22.31
N TYR B 184 -11.14 20.12 21.66
CA TYR B 184 -10.73 18.76 21.99
C TYR B 184 -9.82 18.70 23.21
N LEU B 185 -9.70 19.83 23.92
CA LEU B 185 -9.01 19.85 25.20
C LEU B 185 -10.00 19.82 26.37
N GLU B 186 -11.30 19.84 26.05
CA GLU B 186 -12.34 19.89 27.06
C GLU B 186 -12.73 18.50 27.54
N GLU B 187 -12.79 18.33 28.86
CA GLU B 187 -13.19 17.05 29.45
C GLU B 187 -14.51 16.54 28.89
N LYS B 188 -15.51 17.39 28.86
CA LYS B 188 -16.83 17.00 28.37
C LYS B 188 -16.75 16.54 26.93
N ARG B 189 -16.12 17.36 26.08
CA ARG B 189 -15.98 17.03 24.67
C ARG B 189 -15.35 15.63 24.51
N ILE B 190 -14.27 15.39 25.23
CA ILE B 190 -13.57 14.12 25.12
C ILE B 190 -14.43 12.94 25.59
N LYS B 191 -15.00 13.05 26.79
CA LYS B 191 -15.88 12.02 27.31
C LYS B 191 -17.01 11.68 26.35
N ASP B 192 -17.68 12.71 25.84
CA ASP B 192 -18.77 12.52 24.90
C ASP B 192 -18.27 11.82 23.64
N LEU B 193 -17.05 12.16 23.24
CA LEU B 193 -16.48 11.61 22.02
C LEU B 193 -16.12 10.13 22.19
N VAL B 194 -15.52 9.81 23.33
CA VAL B 194 -15.21 8.42 23.64
C VAL B 194 -16.48 7.56 23.78
N LYS B 195 -17.51 8.11 24.41
CA LYS B 195 -18.77 7.38 24.54
C LYS B 195 -19.37 7.13 23.17
N LYS B 196 -19.31 8.14 22.31
CA LYS B 196 -19.91 8.07 20.98
C LYS B 196 -19.21 7.08 20.04
N HIS B 197 -17.88 7.08 20.03
CA HIS B 197 -17.15 6.33 19.01
C HIS B 197 -16.33 5.16 19.53
N SER B 198 -16.02 5.15 20.82
CA SER B 198 -15.03 4.22 21.34
C SER B 198 -15.43 3.53 22.64
N GLU B 199 -16.73 3.56 22.95
CA GLU B 199 -17.21 2.99 24.19
C GLU B 199 -16.89 1.49 24.32
N PHE B 200 -16.81 0.81 23.18
CA PHE B 200 -16.65 -0.63 23.10
CA PHE B 200 -16.66 -0.64 23.23
C PHE B 200 -15.21 -1.12 23.24
N ILE B 201 -14.24 -0.21 23.23
CA ILE B 201 -12.84 -0.61 23.35
C ILE B 201 -12.65 -1.41 24.65
N SER B 202 -11.87 -2.48 24.58
CA SER B 202 -11.81 -3.44 25.68
C SER B 202 -10.69 -3.18 26.68
N PHE B 203 -9.85 -2.21 26.40
CA PHE B 203 -8.77 -1.85 27.31
C PHE B 203 -9.14 -0.56 28.06
N PRO B 204 -8.69 -0.43 29.31
CA PRO B 204 -9.01 0.74 30.12
C PRO B 204 -8.62 2.05 29.43
N ILE B 205 -9.59 2.94 29.26
CA ILE B 205 -9.31 4.28 28.75
C ILE B 205 -9.39 5.27 29.90
N LYS B 206 -8.27 5.92 30.21
CA LYS B 206 -8.24 6.85 31.34
C LYS B 206 -7.96 8.27 30.88
N LEU B 207 -8.70 9.23 31.46
CA LEU B 207 -8.55 10.64 31.13
C LEU B 207 -7.97 11.41 32.30
N TYR B 208 -6.99 12.26 32.03
CA TYR B 208 -6.39 13.09 33.05
C TYR B 208 -7.27 14.33 33.30
N CYS B 209 -7.79 14.44 34.52
CA CYS B 209 -8.77 15.48 34.83
C CYS B 209 -8.28 16.55 35.81
N GLU B 210 -8.99 17.67 35.81
CA GLU B 210 -8.68 18.80 36.71
C GLU B 210 -9.71 19.90 36.53
N HIS B 217 -5.54 17.13 40.15
CA HIS B 217 -4.83 16.27 39.21
C HIS B 217 -5.16 14.79 39.43
N GLU B 218 -6.25 14.34 38.82
CA GLU B 218 -6.71 12.98 39.02
C GLU B 218 -7.15 12.30 37.72
N TRP B 219 -6.84 11.00 37.61
CA TRP B 219 -7.29 10.21 36.47
C TRP B 219 -8.76 9.85 36.61
N GLU B 220 -9.35 9.39 35.52
CA GLU B 220 -10.76 9.03 35.52
C GLU B 220 -11.03 8.06 34.38
N GLU B 221 -11.57 6.90 34.72
CA GLU B 221 -11.77 5.85 33.73
C GLU B 221 -13.07 6.08 32.98
N LEU B 222 -12.97 6.17 31.65
CA LEU B 222 -14.13 6.40 30.80
C LEU B 222 -14.72 5.07 30.36
N ASN B 223 -13.97 4.01 30.58
CA ASN B 223 -14.33 2.69 30.06
C ASN B 223 -15.22 1.90 31.01
PB ADP C . -2.03 -10.20 -8.49
O1B ADP C . -2.16 -8.91 -9.27
O2B ADP C . -0.74 -10.38 -7.74
O3B ADP C . -3.26 -10.53 -7.69
PA ADP C . -1.53 -11.24 -11.12
O1A ADP C . -1.91 -9.87 -11.63
O2A ADP C . -1.97 -12.46 -11.89
O3A ADP C . -2.02 -11.39 -9.59
O5' ADP C . 0.08 -11.30 -11.04
C5' ADP C . 0.73 -12.45 -10.51
C4' ADP C . 2.06 -12.05 -9.89
O4' ADP C . 3.03 -11.73 -10.89
C3' ADP C . 1.98 -10.80 -9.05
O3' ADP C . 1.58 -11.07 -7.71
C2' ADP C . 3.40 -10.31 -9.05
O2' ADP C . 4.10 -11.01 -8.01
C1' ADP C . 3.95 -10.77 -10.39
N9 ADP C . 3.93 -9.58 -11.26
C8 ADP C . 2.96 -9.27 -12.14
N7 ADP C . 3.24 -8.11 -12.78
C5 ADP C . 4.40 -7.65 -12.29
C6 ADP C . 5.26 -6.47 -12.52
N6 ADP C . 4.91 -5.53 -13.43
N1 ADP C . 6.40 -6.36 -11.80
C2 ADP C . 6.75 -7.30 -10.90
N3 ADP C . 6.02 -8.40 -10.63
C4 ADP C . 4.85 -8.62 -11.28
S SO4 D . 6.93 -10.40 -3.11
O1 SO4 D . 8.14 -9.59 -3.27
O2 SO4 D . 5.82 -9.62 -2.59
O3 SO4 D . 6.54 -10.93 -4.42
O4 SO4 D . 7.19 -11.50 -2.19
S SO4 E . -2.55 -17.77 -1.45
O1 SO4 E . -1.09 -17.61 -1.37
O2 SO4 E . -3.18 -16.45 -1.33
O3 SO4 E . -2.88 -18.38 -2.72
O4 SO4 E . -3.01 -18.63 -0.37
S SO4 F . 15.13 -16.24 -5.75
O1 SO4 F . 15.97 -16.47 -6.93
O2 SO4 F . 15.84 -15.38 -4.82
O3 SO4 F . 13.88 -15.59 -6.16
O4 SO4 F . 14.83 -17.52 -5.10
S SO4 G . -5.21 -23.08 -23.54
O1 SO4 G . -4.47 -22.88 -24.78
O2 SO4 G . -4.52 -22.45 -22.42
O3 SO4 G . -6.54 -22.50 -23.68
O4 SO4 G . -5.35 -24.51 -23.28
S SO4 H . 13.15 -4.28 13.12
O1 SO4 H . 14.06 -3.36 13.79
O2 SO4 H . 11.78 -3.78 13.18
O3 SO4 H . 13.55 -4.42 11.71
O4 SO4 H . 13.22 -5.58 13.77
S SO4 I . -16.28 19.93 3.08
O1 SO4 I . -15.01 20.64 3.07
O2 SO4 I . -16.61 19.62 4.46
O3 SO4 I . -17.31 20.78 2.50
O4 SO4 I . -16.17 18.68 2.32
#